data_1K0J
#
_entry.id   1K0J
#
_cell.length_a   71.845
_cell.length_b   139.146
_cell.length_c   91.637
_cell.angle_alpha   90
_cell.angle_beta   90
_cell.angle_gamma   90
#
_symmetry.space_group_name_H-M   'C 2 2 21'
#
loop_
_entity.id
_entity.type
_entity.pdbx_description
1 polymer 'P-HYDROXYBENZOATE HYDROXYLASE'
2 non-polymer 'SULFATE ION'
3 non-polymer 'FLAVIN-ADENINE DINUCLEOTIDE'
4 non-polymer 'NADPH DIHYDRO-NICOTINAMIDE-ADENINE-DINUCLEOTIDE PHOSPHATE'
5 water water
#
_entity_poly.entity_id   1
_entity_poly.type   'polypeptide(L)'
_entity_poly.pdbx_seq_one_letter_code
;MKTQVAIIGAGPSGLLLGQLLHKAGIDNVILERQTPDYVLGRIRAGVLEQGMVDLLREAGVDRRMARDGLVHEGVEIAFA
GQRRRIDLKRLSGGKTVTVYGQTEVTRDLMEAREACGATTVYQAAEVRLHDLQGERPYVTFERDGERLRLDCDYIAGCDG
FHGISRQSIPAERLKVFERVYPFGWLGLLADTPPVSHELIYANHPRGFALCSQRSATRSQYYVQVPLSEKVEDWSDERFW
TELKARLPSEVAEKLVTGPSLEKSIAPLRSFVVEPMQHGRLFLAGDAAHIVPPTGAKGLNLAASDVSTLYRLLLKAYREG
RGELLERYSAICLRRIWKAERFSWWMTSVLHRFPDTDAFSQRIQQTELEYYLGSEAGLATIAENYVGLPYEEIE
;
_entity_poly.pdbx_strand_id   A
#
# COMPACT_ATOMS: atom_id res chain seq x y z
N MET A 1 11.32 -28.19 10.19
CA MET A 1 12.11 -26.92 10.10
C MET A 1 12.00 -26.12 11.38
N LYS A 2 13.05 -25.38 11.68
CA LYS A 2 13.07 -24.58 12.89
C LYS A 2 13.61 -23.21 12.54
N THR A 3 13.02 -22.18 13.13
CA THR A 3 13.48 -20.83 12.88
C THR A 3 12.96 -19.96 13.99
N GLN A 4 13.40 -18.69 14.00
CA GLN A 4 12.97 -17.75 15.02
C GLN A 4 11.64 -17.12 14.58
N VAL A 5 11.67 -16.32 13.52
CA VAL A 5 10.44 -15.72 13.06
C VAL A 5 9.88 -16.35 11.81
N ALA A 6 8.65 -16.87 11.91
CA ALA A 6 7.98 -17.46 10.77
C ALA A 6 7.30 -16.28 10.06
N ILE A 7 7.36 -16.27 8.74
CA ILE A 7 6.74 -15.18 8.00
C ILE A 7 5.82 -15.73 6.92
N ILE A 8 4.52 -15.47 7.06
CA ILE A 8 3.59 -15.94 6.06
C ILE A 8 3.42 -14.84 5.02
N GLY A 9 3.94 -15.06 3.81
CA GLY A 9 3.84 -14.07 2.76
C GLY A 9 5.15 -13.55 2.19
N ALA A 10 5.30 -13.67 0.87
CA ALA A 10 6.50 -13.20 0.19
C ALA A 10 6.13 -12.00 -0.68
N GLY A 11 5.29 -11.14 -0.12
CA GLY A 11 4.89 -9.94 -0.82
C GLY A 11 5.80 -8.84 -0.30
N PRO A 12 5.51 -7.57 -0.60
CA PRO A 12 6.38 -6.51 -0.10
C PRO A 12 6.56 -6.56 1.42
N SER A 13 5.46 -6.83 2.14
CA SER A 13 5.52 -6.91 3.60
C SER A 13 6.45 -8.01 4.08
N GLY A 14 6.17 -9.24 3.64
CA GLY A 14 6.99 -10.37 4.05
C GLY A 14 8.44 -10.21 3.69
N LEU A 15 8.69 -9.89 2.43
CA LEU A 15 10.04 -9.70 1.93
C LEU A 15 10.78 -8.64 2.70
N LEU A 16 10.13 -7.51 2.95
CA LEU A 16 10.77 -6.41 3.65
C LEU A 16 11.10 -6.76 5.10
N LEU A 17 10.15 -7.38 5.79
CA LEU A 17 10.37 -7.79 7.18
C LEU A 17 11.50 -8.82 7.18
N GLY A 18 11.41 -9.78 6.26
CA GLY A 18 12.41 -10.83 6.18
C GLY A 18 13.83 -10.33 5.96
N GLN A 19 14.00 -9.37 5.05
CA GLN A 19 15.31 -8.85 4.76
C GLN A 19 15.86 -8.07 5.94
N LEU A 20 15.03 -7.20 6.51
CA LEU A 20 15.45 -6.40 7.65
C LEU A 20 15.90 -7.31 8.76
N LEU A 21 15.10 -8.36 9.03
CA LEU A 21 15.43 -9.32 10.08
C LEU A 21 16.74 -10.03 9.74
N HIS A 22 16.90 -10.38 8.46
CA HIS A 22 18.11 -11.06 8.00
C HIS A 22 19.36 -10.26 8.36
N LYS A 23 19.35 -8.97 8.05
CA LYS A 23 20.50 -8.10 8.32
C LYS A 23 20.75 -7.84 9.79
N ALA A 24 19.69 -7.94 10.60
CA ALA A 24 19.81 -7.72 12.03
C ALA A 24 20.41 -8.97 12.68
N GLY A 25 20.30 -10.09 11.99
CA GLY A 25 20.84 -11.34 12.52
C GLY A 25 19.79 -12.26 13.09
N ILE A 26 18.52 -11.89 12.97
CA ILE A 26 17.44 -12.72 13.49
C ILE A 26 16.99 -13.72 12.41
N ASP A 27 17.06 -15.01 12.72
CA ASP A 27 16.68 -16.07 11.77
C ASP A 27 15.24 -15.99 11.36
N ASN A 28 14.98 -16.13 10.06
CA ASN A 28 13.61 -16.05 9.60
C ASN A 28 13.32 -16.88 8.37
N VAL A 29 12.09 -17.35 8.28
CA VAL A 29 11.66 -18.14 7.14
C VAL A 29 10.38 -17.59 6.55
N ILE A 30 10.33 -17.47 5.24
CA ILE A 30 9.16 -16.95 4.56
C ILE A 30 8.45 -18.07 3.81
N LEU A 31 7.15 -18.20 4.06
CA LEU A 31 6.34 -19.20 3.40
C LEU A 31 5.40 -18.46 2.46
N GLU A 32 5.49 -18.76 1.18
CA GLU A 32 4.64 -18.13 0.17
C GLU A 32 3.80 -19.18 -0.54
N ARG A 33 2.52 -18.91 -0.67
CA ARG A 33 1.61 -19.84 -1.33
C ARG A 33 1.87 -19.96 -2.84
N GLN A 34 2.16 -18.83 -3.48
CA GLN A 34 2.38 -18.83 -4.92
C GLN A 34 3.80 -19.14 -5.35
N THR A 35 4.04 -18.98 -6.64
CA THR A 35 5.36 -19.21 -7.23
C THR A 35 6.06 -17.88 -7.39
N PRO A 36 7.38 -17.88 -7.47
CA PRO A 36 8.09 -16.60 -7.63
C PRO A 36 7.55 -15.80 -8.82
N ASP A 37 7.34 -16.48 -9.94
CA ASP A 37 6.82 -15.83 -11.13
C ASP A 37 5.44 -15.25 -10.91
N TYR A 38 4.57 -16.02 -10.28
CA TYR A 38 3.23 -15.56 -10.02
C TYR A 38 3.24 -14.26 -9.21
N VAL A 39 3.90 -14.28 -8.06
CA VAL A 39 4.00 -13.08 -7.21
C VAL A 39 4.46 -11.92 -8.07
N LEU A 40 5.65 -12.06 -8.63
CA LEU A 40 6.26 -11.04 -9.47
C LEU A 40 5.40 -10.72 -10.69
N GLY A 41 4.45 -11.60 -11.00
CA GLY A 41 3.58 -11.39 -12.15
C GLY A 41 2.44 -10.40 -11.92
N ARG A 42 2.22 -10.01 -10.67
CA ARG A 42 1.17 -9.06 -10.35
C ARG A 42 1.73 -7.66 -10.59
N ILE A 43 1.11 -6.91 -11.49
CA ILE A 43 1.61 -5.57 -11.76
C ILE A 43 0.89 -4.49 -10.97
N ARG A 44 1.68 -3.57 -10.44
CA ARG A 44 1.14 -2.47 -9.68
C ARG A 44 2.14 -1.37 -9.45
N ALA A 45 1.73 -0.15 -9.80
CA ALA A 45 2.55 1.03 -9.64
C ALA A 45 2.76 1.26 -8.17
N GLY A 46 3.26 2.44 -7.83
CA GLY A 46 3.50 2.76 -6.45
C GLY A 46 4.04 4.16 -6.24
N VAL A 47 3.54 4.79 -5.19
CA VAL A 47 3.96 6.12 -4.76
C VAL A 47 4.44 5.77 -3.36
N LEU A 48 5.74 5.91 -3.13
CA LEU A 48 6.29 5.56 -1.83
C LEU A 48 6.58 6.77 -0.98
N GLU A 49 6.22 6.66 0.30
CA GLU A 49 6.47 7.73 1.27
C GLU A 49 7.94 7.69 1.64
N GLN A 50 8.46 8.81 2.13
CA GLN A 50 9.86 8.89 2.54
C GLN A 50 10.16 7.74 3.51
N GLY A 51 9.25 7.51 4.46
CA GLY A 51 9.44 6.42 5.40
C GLY A 51 9.69 5.10 4.70
N MET A 52 8.88 4.80 3.68
CA MET A 52 9.02 3.58 2.91
C MET A 52 10.39 3.56 2.23
N VAL A 53 10.75 4.68 1.62
CA VAL A 53 12.05 4.81 0.96
C VAL A 53 13.21 4.63 1.95
N ASP A 54 13.10 5.22 3.14
CA ASP A 54 14.18 5.09 4.13
C ASP A 54 14.30 3.65 4.60
N LEU A 55 13.16 2.98 4.74
CA LEU A 55 13.13 1.59 5.19
C LEU A 55 13.79 0.65 4.19
N LEU A 56 13.65 0.96 2.90
CA LEU A 56 14.26 0.12 1.87
C LEU A 56 15.77 0.33 1.87
N ARG A 57 16.21 1.56 2.14
CA ARG A 57 17.64 1.84 2.20
C ARG A 57 18.22 0.98 3.31
N GLU A 58 17.63 1.09 4.49
CA GLU A 58 18.07 0.32 5.66
C GLU A 58 18.07 -1.17 5.37
N ALA A 59 17.13 -1.63 4.55
CA ALA A 59 17.04 -3.04 4.22
C ALA A 59 18.15 -3.42 3.24
N GLY A 60 18.84 -2.41 2.71
CA GLY A 60 19.91 -2.64 1.76
C GLY A 60 19.41 -3.01 0.39
N VAL A 61 18.21 -2.54 0.04
CA VAL A 61 17.63 -2.86 -1.25
C VAL A 61 17.17 -1.59 -1.95
N ASP A 62 18.03 -0.57 -1.92
CA ASP A 62 17.67 0.70 -2.54
C ASP A 62 18.49 1.02 -3.79
N ARG A 63 19.37 0.11 -4.20
CA ARG A 63 20.20 0.37 -5.37
C ARG A 63 19.42 0.76 -6.61
N ARG A 64 18.57 -0.14 -7.09
CA ARG A 64 17.79 0.10 -8.29
C ARG A 64 16.76 1.23 -8.14
N MET A 65 16.09 1.30 -7.00
CA MET A 65 15.10 2.35 -6.78
C MET A 65 15.72 3.73 -6.91
N ALA A 66 16.99 3.82 -6.53
CA ALA A 66 17.73 5.08 -6.58
C ALA A 66 18.06 5.46 -8.02
N ARG A 67 18.19 4.44 -8.86
CA ARG A 67 18.54 4.65 -10.26
C ARG A 67 17.30 4.78 -11.16
N ASP A 68 16.22 4.11 -10.80
CA ASP A 68 15.03 4.17 -11.64
C ASP A 68 13.84 4.96 -11.09
N GLY A 69 13.82 5.16 -9.78
CA GLY A 69 12.72 5.88 -9.17
C GLY A 69 12.66 7.34 -9.54
N LEU A 70 11.47 7.92 -9.41
CA LEU A 70 11.25 9.33 -9.71
C LEU A 70 10.83 10.01 -8.42
N VAL A 71 11.62 10.99 -7.99
CA VAL A 71 11.31 11.71 -6.76
C VAL A 71 10.42 12.91 -7.07
N HIS A 72 9.18 12.88 -6.60
CA HIS A 72 8.23 13.98 -6.84
C HIS A 72 8.19 14.92 -5.65
N GLU A 73 8.43 16.20 -5.91
CA GLU A 73 8.40 17.21 -4.87
C GLU A 73 7.00 17.82 -4.70
N GLY A 74 6.08 17.44 -5.55
CA GLY A 74 4.73 17.97 -5.47
C GLY A 74 3.70 17.09 -6.13
N VAL A 75 2.44 17.38 -5.84
CA VAL A 75 1.31 16.63 -6.39
C VAL A 75 0.23 17.65 -6.74
N GLU A 76 -0.57 17.34 -7.75
CA GLU A 76 -1.62 18.24 -8.19
C GLU A 76 -3.05 17.74 -8.02
N ILE A 77 -3.94 18.69 -7.80
CA ILE A 77 -5.36 18.41 -7.68
C ILE A 77 -6.05 19.35 -8.66
N ALA A 78 -6.95 18.82 -9.47
CA ALA A 78 -7.66 19.64 -10.43
C ALA A 78 -9.14 19.59 -10.11
N PHE A 79 -9.82 20.72 -10.32
CA PHE A 79 -11.25 20.83 -10.08
C PHE A 79 -11.70 22.19 -10.58
N ALA A 80 -12.90 22.24 -11.17
CA ALA A 80 -13.44 23.49 -11.69
C ALA A 80 -12.49 24.08 -12.72
N GLY A 81 -11.95 23.21 -13.57
CA GLY A 81 -11.05 23.64 -14.62
C GLY A 81 -9.65 24.09 -14.22
N GLN A 82 -9.45 24.42 -12.94
CA GLN A 82 -8.13 24.87 -12.52
C GLN A 82 -7.28 23.74 -11.95
N ARG A 83 -5.97 23.98 -11.90
CA ARG A 83 -5.03 23.01 -11.36
C ARG A 83 -4.33 23.68 -10.20
N ARG A 84 -4.28 23.01 -9.06
CA ARG A 84 -3.64 23.56 -7.88
C ARG A 84 -2.53 22.64 -7.44
N ARG A 85 -1.33 23.18 -7.29
CA ARG A 85 -0.19 22.38 -6.89
C ARG A 85 0.09 22.47 -5.39
N ILE A 86 0.31 21.32 -4.78
CA ILE A 86 0.62 21.24 -3.36
C ILE A 86 2.11 20.98 -3.26
N ASP A 87 2.87 22.02 -2.94
CA ASP A 87 4.32 21.92 -2.83
C ASP A 87 4.67 21.01 -1.67
N LEU A 88 4.67 19.70 -1.92
CA LEU A 88 4.96 18.71 -0.88
C LEU A 88 6.29 18.98 -0.19
N LYS A 89 7.31 19.24 -0.99
CA LYS A 89 8.65 19.48 -0.47
C LYS A 89 8.68 20.63 0.54
N ARG A 90 8.26 21.82 0.12
CA ARG A 90 8.25 22.98 1.00
C ARG A 90 7.27 22.84 2.18
N LEU A 91 6.00 22.58 1.86
CA LEU A 91 4.96 22.45 2.89
C LEU A 91 5.18 21.40 3.97
N SER A 92 6.26 20.63 3.89
CA SER A 92 6.49 19.59 4.89
C SER A 92 7.93 19.54 5.42
N GLY A 93 8.75 20.48 4.98
CA GLY A 93 10.14 20.49 5.44
C GLY A 93 11.11 20.06 4.36
N GLY A 94 10.91 18.87 3.81
CA GLY A 94 11.79 18.39 2.77
C GLY A 94 11.46 16.97 2.40
N LYS A 95 10.42 16.44 3.03
CA LYS A 95 10.00 15.09 2.72
C LYS A 95 9.45 15.10 1.31
N THR A 96 9.59 13.97 0.62
CA THR A 96 9.11 13.82 -0.75
C THR A 96 8.51 12.45 -0.90
N VAL A 97 8.05 12.16 -2.10
CA VAL A 97 7.49 10.85 -2.40
C VAL A 97 8.25 10.35 -3.61
N THR A 98 8.44 9.04 -3.67
CA THR A 98 9.18 8.44 -4.75
C THR A 98 8.31 7.47 -5.53
N VAL A 99 8.28 7.65 -6.84
CA VAL A 99 7.50 6.80 -7.71
C VAL A 99 8.38 5.67 -8.23
N TYR A 100 8.07 4.47 -7.76
CA TYR A 100 8.78 3.25 -8.10
C TYR A 100 7.75 2.15 -7.85
N GLY A 101 7.40 1.42 -8.90
CA GLY A 101 6.39 0.38 -8.75
C GLY A 101 6.60 -0.63 -7.64
N GLN A 102 5.50 -1.22 -7.21
CA GLN A 102 5.52 -2.22 -6.16
C GLN A 102 6.14 -3.47 -6.76
N THR A 103 5.76 -3.76 -8.00
CA THR A 103 6.30 -4.93 -8.68
C THR A 103 7.82 -4.84 -8.59
N GLU A 104 8.39 -3.71 -8.99
CA GLU A 104 9.83 -3.52 -8.96
C GLU A 104 10.39 -3.66 -7.55
N VAL A 105 9.72 -3.05 -6.58
CA VAL A 105 10.18 -3.16 -5.20
C VAL A 105 10.19 -4.62 -4.78
N THR A 106 9.15 -5.34 -5.14
CA THR A 106 9.03 -6.75 -4.78
C THR A 106 10.19 -7.49 -5.42
N ARG A 107 10.37 -7.25 -6.72
CA ARG A 107 11.42 -7.86 -7.51
C ARG A 107 12.78 -7.60 -6.87
N ASP A 108 13.05 -6.33 -6.55
CA ASP A 108 14.32 -5.97 -5.93
C ASP A 108 14.53 -6.74 -4.63
N LEU A 109 13.46 -6.93 -3.87
CA LEU A 109 13.57 -7.64 -2.61
C LEU A 109 13.81 -9.14 -2.78
N MET A 110 13.20 -9.74 -3.80
CA MET A 110 13.38 -11.17 -4.05
C MET A 110 14.81 -11.49 -4.47
N GLU A 111 15.43 -10.56 -5.19
CA GLU A 111 16.80 -10.74 -5.66
C GLU A 111 17.76 -10.63 -4.48
N ALA A 112 17.48 -9.69 -3.58
CA ALA A 112 18.31 -9.48 -2.40
C ALA A 112 18.25 -10.70 -1.48
N ARG A 113 17.09 -11.34 -1.42
CA ARG A 113 16.90 -12.50 -0.57
C ARG A 113 17.47 -13.75 -1.22
N GLU A 114 17.17 -13.92 -2.51
CA GLU A 114 17.65 -15.06 -3.27
C GLU A 114 19.17 -15.13 -3.15
N ALA A 115 19.80 -13.96 -3.24
CA ALA A 115 21.24 -13.84 -3.16
C ALA A 115 21.82 -14.19 -1.79
N CYS A 116 21.34 -13.54 -0.74
CA CYS A 116 21.88 -13.81 0.60
C CYS A 116 21.55 -15.20 1.11
N GLY A 117 20.77 -15.94 0.33
CA GLY A 117 20.41 -17.29 0.71
C GLY A 117 19.41 -17.49 1.85
N ALA A 118 18.77 -16.41 2.30
CA ALA A 118 17.78 -16.53 3.38
C ALA A 118 16.74 -17.55 2.93
N THR A 119 16.03 -18.15 3.89
CA THR A 119 15.04 -19.16 3.60
C THR A 119 13.68 -18.68 3.08
N THR A 120 13.23 -19.28 1.98
CA THR A 120 11.95 -18.94 1.38
C THR A 120 11.38 -20.18 0.69
N VAL A 121 10.17 -20.56 1.08
CA VAL A 121 9.53 -21.71 0.49
C VAL A 121 8.32 -21.29 -0.34
N TYR A 122 8.40 -21.50 -1.65
CA TYR A 122 7.30 -21.14 -2.53
C TYR A 122 6.39 -22.33 -2.77
N GLN A 123 5.17 -22.07 -3.22
CA GLN A 123 4.21 -23.13 -3.47
C GLN A 123 3.92 -23.89 -2.18
N ALA A 124 4.05 -23.17 -1.06
CA ALA A 124 3.78 -23.72 0.27
C ALA A 124 2.26 -23.72 0.41
N ALA A 125 1.63 -24.81 0.01
CA ALA A 125 0.17 -24.90 0.06
C ALA A 125 -0.40 -25.26 1.42
N GLU A 126 -1.71 -25.06 1.55
CA GLU A 126 -2.47 -25.35 2.76
C GLU A 126 -1.80 -24.92 4.05
N VAL A 127 -1.30 -23.70 4.08
CA VAL A 127 -0.65 -23.20 5.29
C VAL A 127 -1.67 -23.17 6.42
N ARG A 128 -1.23 -23.56 7.61
CA ARG A 128 -2.08 -23.55 8.80
C ARG A 128 -1.22 -23.16 9.99
N LEU A 129 -1.79 -22.38 10.90
CA LEU A 129 -1.05 -21.92 12.06
C LEU A 129 -1.46 -22.66 13.33
N HIS A 130 -0.51 -22.86 14.24
CA HIS A 130 -0.77 -23.61 15.47
C HIS A 130 -0.11 -23.02 16.70
N ASP A 131 -0.66 -23.34 17.86
CA ASP A 131 -0.14 -22.91 19.16
C ASP A 131 0.23 -21.44 19.29
N LEU A 132 -0.69 -20.56 18.92
CA LEU A 132 -0.41 -19.12 18.99
C LEU A 132 -0.42 -18.59 20.41
N GLN A 133 -1.05 -19.35 21.32
CA GLN A 133 -1.16 -18.95 22.72
C GLN A 133 0.08 -19.36 23.52
N GLY A 134 0.65 -20.51 23.18
CA GLY A 134 1.83 -20.98 23.89
C GLY A 134 3.07 -20.21 23.47
N GLU A 135 4.24 -20.72 23.82
CA GLU A 135 5.47 -20.05 23.44
C GLU A 135 6.30 -20.85 22.45
N ARG A 136 5.70 -21.91 21.94
CA ARG A 136 6.33 -22.77 20.95
C ARG A 136 5.39 -22.87 19.74
N PRO A 137 5.05 -21.72 19.14
CA PRO A 137 4.15 -21.74 17.98
C PRO A 137 4.82 -22.40 16.79
N TYR A 138 4.03 -22.97 15.89
CA TYR A 138 4.58 -23.61 14.70
C TYR A 138 3.60 -23.55 13.52
N VAL A 139 4.10 -23.81 12.33
CA VAL A 139 3.27 -23.77 11.13
C VAL A 139 3.36 -25.05 10.30
N THR A 140 2.24 -25.44 9.69
CA THR A 140 2.20 -26.62 8.85
C THR A 140 1.85 -26.22 7.42
N PHE A 141 2.40 -26.93 6.45
CA PHE A 141 2.16 -26.66 5.04
C PHE A 141 2.62 -27.84 4.20
N GLU A 142 2.04 -27.97 3.01
CA GLU A 142 2.39 -29.05 2.11
C GLU A 142 3.20 -28.55 0.92
N ARG A 143 4.34 -29.18 0.69
CA ARG A 143 5.20 -28.79 -0.43
C ARG A 143 5.75 -29.97 -1.19
N ASP A 144 5.86 -29.80 -2.51
CA ASP A 144 6.40 -30.82 -3.39
C ASP A 144 5.80 -32.20 -3.12
N GLY A 145 4.69 -32.24 -2.39
CA GLY A 145 4.04 -33.50 -2.11
C GLY A 145 4.14 -34.03 -0.69
N GLU A 146 4.95 -33.41 0.16
CA GLU A 146 5.07 -33.89 1.53
C GLU A 146 4.57 -32.89 2.58
N ARG A 147 4.30 -33.40 3.78
CA ARG A 147 3.83 -32.55 4.87
C ARG A 147 5.00 -32.01 5.68
N LEU A 148 5.05 -30.70 5.85
CA LEU A 148 6.15 -30.08 6.58
C LEU A 148 5.69 -29.26 7.77
N ARG A 149 6.58 -29.11 8.74
CA ARG A 149 6.30 -28.32 9.93
C ARG A 149 7.46 -27.37 10.20
N LEU A 150 7.12 -26.13 10.59
CA LEU A 150 8.10 -25.09 10.87
C LEU A 150 7.87 -24.50 12.25
N ASP A 151 8.84 -24.70 13.15
CA ASP A 151 8.73 -24.18 14.51
C ASP A 151 9.36 -22.79 14.57
N CYS A 152 8.89 -21.98 15.51
CA CYS A 152 9.40 -20.62 15.65
C CYS A 152 9.03 -20.00 16.99
N ASP A 153 9.44 -18.75 17.17
CA ASP A 153 9.15 -17.98 18.38
C ASP A 153 7.92 -17.11 18.14
N TYR A 154 7.88 -16.46 16.98
CA TYR A 154 6.77 -15.57 16.63
C TYR A 154 6.42 -15.67 15.14
N ILE A 155 5.14 -15.60 14.81
CA ILE A 155 4.72 -15.64 13.42
C ILE A 155 4.24 -14.26 13.01
N ALA A 156 4.68 -13.80 11.85
CA ALA A 156 4.27 -12.51 11.34
C ALA A 156 3.41 -12.78 10.11
N GLY A 157 2.12 -12.50 10.22
CA GLY A 157 1.19 -12.74 9.12
C GLY A 157 1.20 -11.61 8.11
N CYS A 158 1.90 -11.82 7.01
CA CYS A 158 2.01 -10.81 5.95
C CYS A 158 1.41 -11.37 4.69
N ASP A 159 0.32 -12.12 4.85
CA ASP A 159 -0.30 -12.76 3.70
C ASP A 159 -1.40 -12.00 2.97
N GLY A 160 -1.51 -10.71 3.23
CA GLY A 160 -2.51 -9.89 2.55
C GLY A 160 -3.95 -10.05 2.98
N PHE A 161 -4.82 -9.30 2.34
CA PHE A 161 -6.25 -9.32 2.67
C PHE A 161 -6.91 -10.70 2.59
N HIS A 162 -6.51 -11.53 1.63
CA HIS A 162 -7.10 -12.86 1.52
C HIS A 162 -6.29 -13.94 2.19
N GLY A 163 -5.26 -13.56 2.93
CA GLY A 163 -4.42 -14.52 3.61
C GLY A 163 -5.13 -15.36 4.64
N ILE A 164 -4.37 -16.20 5.33
CA ILE A 164 -4.97 -17.07 6.33
C ILE A 164 -4.62 -16.67 7.76
N SER A 165 -3.57 -15.87 7.93
CA SER A 165 -3.16 -15.47 9.27
C SER A 165 -4.24 -14.68 9.98
N ARG A 166 -4.92 -13.75 9.29
CA ARG A 166 -5.97 -13.03 9.98
C ARG A 166 -7.08 -14.01 10.25
N GLN A 167 -7.32 -14.90 9.28
CA GLN A 167 -8.38 -15.90 9.45
C GLN A 167 -8.02 -16.96 10.48
N SER A 168 -6.90 -16.77 11.19
CA SER A 168 -6.47 -17.73 12.21
C SER A 168 -6.61 -17.23 13.63
N ILE A 169 -7.11 -16.02 13.79
CA ILE A 169 -7.33 -15.43 15.10
C ILE A 169 -8.80 -15.62 15.45
N PRO A 170 -9.10 -16.10 16.66
CA PRO A 170 -10.51 -16.31 17.04
C PRO A 170 -11.31 -15.05 16.73
N ALA A 171 -12.24 -15.16 15.78
CA ALA A 171 -13.07 -14.03 15.37
C ALA A 171 -13.54 -13.11 16.51
N GLU A 172 -13.99 -13.70 17.60
CA GLU A 172 -14.49 -12.94 18.75
C GLU A 172 -13.47 -11.97 19.34
N ARG A 173 -12.19 -12.32 19.27
CA ARG A 173 -11.14 -11.48 19.81
C ARG A 173 -10.81 -10.26 18.94
N LEU A 174 -11.43 -10.19 17.77
CA LEU A 174 -11.17 -9.09 16.86
C LEU A 174 -12.39 -8.23 16.59
N LYS A 175 -12.16 -6.94 16.39
CA LYS A 175 -13.24 -6.03 16.05
C LYS A 175 -12.89 -5.55 14.64
N VAL A 176 -13.84 -5.65 13.73
CA VAL A 176 -13.62 -5.25 12.36
C VAL A 176 -14.29 -3.91 12.03
N PHE A 177 -13.56 -3.06 11.35
CA PHE A 177 -14.08 -1.75 10.96
C PHE A 177 -13.91 -1.67 9.46
N GLU A 178 -14.99 -1.38 8.74
CA GLU A 178 -14.90 -1.28 7.29
C GLU A 178 -15.97 -0.46 6.61
N ARG A 179 -15.63 0.03 5.41
CA ARG A 179 -16.54 0.82 4.60
C ARG A 179 -16.28 0.40 3.17
N VAL A 180 -17.35 0.09 2.45
CA VAL A 180 -17.21 -0.30 1.05
C VAL A 180 -17.77 0.82 0.23
N TYR A 181 -16.91 1.50 -0.51
CA TYR A 181 -17.34 2.62 -1.34
C TYR A 181 -18.19 2.15 -2.51
N PRO A 182 -19.07 3.03 -3.03
CA PRO A 182 -19.95 2.71 -4.15
C PRO A 182 -19.32 2.96 -5.51
N PHE A 183 -18.06 2.58 -5.65
CA PHE A 183 -17.37 2.75 -6.92
C PHE A 183 -15.98 2.14 -6.90
N GLY A 184 -15.41 1.98 -8.09
CA GLY A 184 -14.08 1.43 -8.19
C GLY A 184 -13.21 2.27 -9.12
N TRP A 185 -11.96 1.82 -9.30
CA TRP A 185 -11.02 2.52 -10.17
C TRP A 185 -10.69 1.69 -11.40
N LEU A 186 -11.14 2.17 -12.57
CA LEU A 186 -10.82 1.52 -13.82
C LEU A 186 -9.43 2.05 -14.18
N GLY A 187 -8.45 1.17 -14.31
CA GLY A 187 -7.09 1.61 -14.61
C GLY A 187 -6.55 1.20 -15.97
N LEU A 188 -5.73 2.07 -16.54
CA LEU A 188 -5.11 1.82 -17.85
C LEU A 188 -3.63 2.17 -17.81
N LEU A 189 -2.80 1.15 -18.02
CA LEU A 189 -1.36 1.32 -18.03
C LEU A 189 -0.98 1.46 -19.50
N ALA A 190 -0.08 2.40 -19.81
CA ALA A 190 0.36 2.62 -21.18
C ALA A 190 1.84 2.96 -21.23
N ASP A 191 2.48 2.77 -22.38
CA ASP A 191 3.89 3.09 -22.51
C ASP A 191 4.05 4.51 -23.05
N THR A 192 2.95 5.24 -23.09
CA THR A 192 2.96 6.61 -23.57
C THR A 192 3.46 7.49 -22.43
N PRO A 193 4.15 8.60 -22.75
CA PRO A 193 4.66 9.47 -21.68
C PRO A 193 3.53 10.06 -20.84
N PRO A 194 3.81 10.39 -19.58
CA PRO A 194 2.82 10.97 -18.66
C PRO A 194 2.43 12.36 -19.10
N VAL A 195 1.17 12.73 -18.85
CA VAL A 195 0.69 14.05 -19.23
C VAL A 195 1.26 15.10 -18.28
N SER A 196 1.84 14.64 -17.19
CA SER A 196 2.43 15.54 -16.21
C SER A 196 3.60 14.87 -15.52
N HIS A 197 4.49 15.67 -14.95
CA HIS A 197 5.65 15.13 -14.26
C HIS A 197 5.36 14.87 -12.80
N GLU A 198 4.17 15.25 -12.38
CA GLU A 198 3.71 15.01 -11.00
C GLU A 198 2.29 14.46 -11.19
N LEU A 199 1.81 13.70 -10.20
CA LEU A 199 0.47 13.14 -10.31
C LEU A 199 -0.61 14.19 -10.33
N ILE A 200 -1.74 13.85 -10.94
CA ILE A 200 -2.86 14.78 -11.01
C ILE A 200 -4.14 14.11 -10.58
N TYR A 201 -4.66 14.53 -9.43
CA TYR A 201 -5.91 14.01 -8.91
C TYR A 201 -6.95 14.99 -9.39
N ALA A 202 -8.00 14.50 -10.04
CA ALA A 202 -8.99 15.40 -10.57
C ALA A 202 -10.43 15.15 -10.12
N ASN A 203 -11.06 16.20 -9.62
CA ASN A 203 -12.45 16.11 -9.22
C ASN A 203 -13.21 16.66 -10.43
N HIS A 204 -14.31 16.02 -10.80
CA HIS A 204 -15.09 16.47 -11.95
C HIS A 204 -16.52 15.97 -11.86
N PRO A 205 -17.49 16.81 -12.26
CA PRO A 205 -18.90 16.42 -12.21
C PRO A 205 -19.19 15.01 -12.72
N ARG A 206 -18.50 14.61 -13.79
CA ARG A 206 -18.70 13.29 -14.37
C ARG A 206 -18.10 12.20 -13.49
N GLY A 207 -17.13 12.59 -12.66
CA GLY A 207 -16.48 11.65 -11.77
C GLY A 207 -14.98 11.87 -11.64
N PHE A 208 -14.37 11.17 -10.69
CA PHE A 208 -12.95 11.25 -10.41
C PHE A 208 -12.06 10.66 -11.51
N ALA A 209 -10.86 11.22 -11.66
CA ALA A 209 -9.89 10.72 -12.62
C ALA A 209 -8.51 10.93 -12.03
N LEU A 210 -7.55 10.12 -12.45
CA LEU A 210 -6.19 10.24 -11.94
C LEU A 210 -5.13 10.11 -13.02
N CYS A 211 -4.16 11.02 -13.01
CA CYS A 211 -3.06 10.99 -13.96
C CYS A 211 -1.83 10.69 -13.13
N SER A 212 -1.27 9.50 -13.33
CA SER A 212 -0.10 9.10 -12.57
C SER A 212 0.89 8.43 -13.49
N GLN A 213 1.84 7.69 -12.94
CA GLN A 213 2.83 7.02 -13.76
C GLN A 213 3.52 5.91 -12.96
N ARG A 214 3.65 4.75 -13.59
CA ARG A 214 4.29 3.61 -12.94
C ARG A 214 5.81 3.79 -12.97
N SER A 215 6.32 4.28 -14.10
CA SER A 215 7.77 4.49 -14.25
C SER A 215 8.00 5.67 -15.19
N ALA A 216 9.25 5.89 -15.57
CA ALA A 216 9.55 6.97 -16.47
C ALA A 216 9.04 6.66 -17.88
N THR A 217 8.92 5.37 -18.18
CA THR A 217 8.47 4.91 -19.50
C THR A 217 7.04 4.38 -19.62
N ARG A 218 6.26 4.46 -18.55
CA ARG A 218 4.87 4.00 -18.63
C ARG A 218 3.93 4.86 -17.81
N SER A 219 2.79 5.18 -18.41
CA SER A 219 1.79 6.00 -17.78
C SER A 219 0.74 5.15 -17.08
N GLN A 220 0.17 5.70 -16.03
CA GLN A 220 -0.87 5.02 -15.27
C GLN A 220 -2.01 6.01 -15.13
N TYR A 221 -3.20 5.61 -15.60
CA TYR A 221 -4.37 6.48 -15.53
C TYR A 221 -5.55 5.74 -14.87
N TYR A 222 -6.45 6.50 -14.27
CA TYR A 222 -7.60 5.93 -13.59
C TYR A 222 -8.82 6.83 -13.70
N VAL A 223 -9.99 6.20 -13.79
CA VAL A 223 -11.25 6.92 -13.81
C VAL A 223 -12.16 6.10 -12.91
N GLN A 224 -12.95 6.77 -12.09
CA GLN A 224 -13.85 6.05 -11.21
C GLN A 224 -15.02 5.52 -12.03
N VAL A 225 -15.53 4.34 -11.63
CA VAL A 225 -16.66 3.75 -12.32
C VAL A 225 -17.54 2.99 -11.34
N PRO A 226 -18.86 2.92 -11.63
CA PRO A 226 -19.77 2.19 -10.74
C PRO A 226 -19.26 0.75 -10.58
N LEU A 227 -19.55 0.14 -9.42
CA LEU A 227 -19.07 -1.20 -9.14
C LEU A 227 -19.55 -2.28 -10.08
N SER A 228 -20.66 -2.02 -10.77
CA SER A 228 -21.22 -3.01 -11.70
C SER A 228 -20.67 -2.92 -13.13
N GLU A 229 -19.69 -2.05 -13.35
CA GLU A 229 -19.11 -1.90 -14.69
C GLU A 229 -18.17 -3.05 -14.99
N LYS A 230 -18.24 -3.51 -16.25
CA LYS A 230 -17.40 -4.61 -16.72
C LYS A 230 -16.25 -4.05 -17.53
N VAL A 231 -15.03 -4.38 -17.12
CA VAL A 231 -13.85 -3.88 -17.81
C VAL A 231 -13.91 -4.10 -19.32
N GLU A 232 -14.57 -5.18 -19.74
CA GLU A 232 -14.65 -5.49 -21.17
C GLU A 232 -15.54 -4.54 -21.96
N ASP A 233 -16.29 -3.68 -21.28
CA ASP A 233 -17.15 -2.72 -21.96
C ASP A 233 -16.42 -1.38 -22.07
N TRP A 234 -15.15 -1.38 -21.70
CA TRP A 234 -14.35 -0.18 -21.77
C TRP A 234 -13.16 -0.33 -22.70
N SER A 235 -13.39 -0.02 -23.97
CA SER A 235 -12.32 -0.10 -24.95
C SER A 235 -11.38 1.06 -24.66
N ASP A 236 -10.13 0.92 -25.07
CA ASP A 236 -9.14 1.97 -24.86
C ASP A 236 -9.66 3.35 -25.19
N GLU A 237 -10.20 3.53 -26.39
CA GLU A 237 -10.70 4.84 -26.79
C GLU A 237 -11.83 5.35 -25.91
N ARG A 238 -12.67 4.45 -25.42
CA ARG A 238 -13.78 4.87 -24.56
C ARG A 238 -13.17 5.35 -23.26
N PHE A 239 -12.10 4.71 -22.83
CA PHE A 239 -11.42 5.12 -21.60
C PHE A 239 -10.82 6.50 -21.84
N TRP A 240 -9.90 6.57 -22.80
CA TRP A 240 -9.22 7.81 -23.13
C TRP A 240 -10.21 8.97 -23.28
N THR A 241 -11.37 8.70 -23.87
CA THR A 241 -12.37 9.73 -24.09
C THR A 241 -13.00 10.19 -22.78
N GLU A 242 -13.24 9.28 -21.85
CA GLU A 242 -13.83 9.65 -20.58
C GLU A 242 -12.79 10.38 -19.71
N LEU A 243 -11.56 9.89 -19.76
CA LEU A 243 -10.47 10.49 -19.00
C LEU A 243 -10.32 11.97 -19.33
N LYS A 244 -10.31 12.28 -20.63
CA LYS A 244 -10.15 13.66 -21.09
C LYS A 244 -11.30 14.55 -20.63
N ALA A 245 -12.50 14.00 -20.63
CA ALA A 245 -13.67 14.73 -20.23
C ALA A 245 -13.66 15.13 -18.74
N ARG A 246 -12.86 14.45 -17.93
CA ARG A 246 -12.81 14.75 -16.50
C ARG A 246 -11.60 15.60 -16.17
N LEU A 247 -10.86 16.01 -17.18
CA LEU A 247 -9.68 16.82 -16.96
C LEU A 247 -9.83 18.23 -17.52
N PRO A 248 -9.00 19.17 -17.02
CA PRO A 248 -9.08 20.55 -17.51
C PRO A 248 -8.62 20.41 -18.95
N SER A 249 -9.25 21.13 -19.88
CA SER A 249 -8.87 21.03 -21.29
C SER A 249 -7.38 21.22 -21.54
N GLU A 250 -6.73 22.09 -20.78
CA GLU A 250 -5.29 22.30 -20.95
C GLU A 250 -4.51 21.00 -20.79
N VAL A 251 -4.98 20.12 -19.91
CA VAL A 251 -4.30 18.85 -19.69
C VAL A 251 -4.70 17.82 -20.74
N ALA A 252 -6.01 17.61 -20.90
CA ALA A 252 -6.52 16.63 -21.87
C ALA A 252 -6.03 16.92 -23.28
N GLU A 253 -5.67 18.17 -23.50
CA GLU A 253 -5.19 18.63 -24.79
C GLU A 253 -3.77 18.14 -25.13
N LYS A 254 -2.89 18.07 -24.12
CA LYS A 254 -1.52 17.63 -24.36
C LYS A 254 -1.26 16.20 -23.92
N LEU A 255 -2.34 15.46 -23.73
CA LEU A 255 -2.26 14.07 -23.30
C LEU A 255 -1.99 13.15 -24.49
N VAL A 256 -1.05 12.23 -24.32
CA VAL A 256 -0.69 11.26 -25.37
C VAL A 256 -1.35 9.91 -25.09
N THR A 257 -2.39 9.59 -25.84
CA THR A 257 -3.09 8.34 -25.67
C THR A 257 -2.40 7.24 -26.45
N GLY A 258 -2.70 5.99 -26.09
CA GLY A 258 -2.10 4.84 -26.75
C GLY A 258 -2.80 3.56 -26.35
N PRO A 259 -2.44 2.41 -26.94
CA PRO A 259 -3.06 1.12 -26.61
C PRO A 259 -2.74 0.74 -25.18
N SER A 260 -3.73 0.24 -24.45
CA SER A 260 -3.52 -0.15 -23.05
C SER A 260 -2.76 -1.44 -22.88
N LEU A 261 -1.64 -1.38 -22.15
CA LEU A 261 -0.81 -2.56 -21.86
C LEU A 261 -1.59 -3.42 -20.88
N GLU A 262 -2.27 -2.76 -19.95
CA GLU A 262 -3.05 -3.45 -18.93
C GLU A 262 -4.26 -2.61 -18.51
N LYS A 263 -5.38 -3.28 -18.26
CA LYS A 263 -6.59 -2.60 -17.82
C LYS A 263 -7.27 -3.45 -16.78
N SER A 264 -8.03 -2.81 -15.88
CA SER A 264 -8.73 -3.52 -14.81
C SER A 264 -9.55 -2.57 -13.94
N ILE A 265 -10.45 -3.14 -13.15
CA ILE A 265 -11.29 -2.34 -12.25
C ILE A 265 -11.06 -2.79 -10.81
N ALA A 266 -10.55 -1.86 -10.01
CA ALA A 266 -10.28 -2.14 -8.60
C ALA A 266 -11.27 -1.43 -7.69
N PRO A 267 -12.06 -2.20 -6.93
CA PRO A 267 -13.05 -1.65 -6.00
C PRO A 267 -12.35 -1.00 -4.82
N LEU A 268 -12.92 0.09 -4.30
CA LEU A 268 -12.33 0.79 -3.16
C LEU A 268 -12.97 0.35 -1.87
N ARG A 269 -12.16 0.30 -0.81
CA ARG A 269 -12.68 -0.10 0.50
C ARG A 269 -11.74 0.21 1.64
N SER A 270 -12.33 0.36 2.81
CA SER A 270 -11.58 0.64 4.02
C SER A 270 -11.79 -0.56 4.92
N PHE A 271 -10.71 -1.06 5.52
CA PHE A 271 -10.80 -2.20 6.43
C PHE A 271 -9.74 -2.12 7.53
N VAL A 272 -10.19 -2.22 8.78
CA VAL A 272 -9.30 -2.17 9.92
C VAL A 272 -9.72 -3.18 10.97
N VAL A 273 -8.78 -4.00 11.42
CA VAL A 273 -9.08 -4.97 12.46
C VAL A 273 -8.30 -4.53 13.71
N GLU A 274 -8.94 -4.70 14.87
CA GLU A 274 -8.35 -4.35 16.17
C GLU A 274 -8.57 -5.53 17.13
N PRO A 275 -7.49 -6.02 17.74
CA PRO A 275 -6.12 -5.55 17.57
C PRO A 275 -5.53 -6.24 16.34
N MET A 276 -4.24 -6.03 16.08
CA MET A 276 -3.59 -6.63 14.92
C MET A 276 -2.64 -7.74 15.33
N GLN A 277 -2.90 -8.37 16.47
CA GLN A 277 -2.05 -9.43 16.96
C GLN A 277 -2.83 -10.40 17.86
N HIS A 278 -2.30 -11.61 18.02
CA HIS A 278 -2.90 -12.64 18.85
C HIS A 278 -1.78 -13.56 19.32
N GLY A 279 -1.45 -13.48 20.60
CA GLY A 279 -0.39 -14.32 21.13
C GLY A 279 0.92 -14.07 20.40
N ARG A 280 1.41 -15.08 19.70
CA ARG A 280 2.68 -14.95 19.00
C ARG A 280 2.52 -14.54 17.53
N LEU A 281 1.29 -14.28 17.13
CA LEU A 281 1.01 -13.87 15.75
C LEU A 281 0.83 -12.35 15.66
N PHE A 282 1.47 -11.73 14.68
CA PHE A 282 1.33 -10.30 14.47
C PHE A 282 0.98 -10.10 13.01
N LEU A 283 -0.01 -9.26 12.73
CA LEU A 283 -0.41 -9.00 11.36
C LEU A 283 0.25 -7.74 10.84
N ALA A 284 0.54 -7.72 9.55
CA ALA A 284 1.17 -6.56 8.92
C ALA A 284 0.53 -6.39 7.57
N GLY A 285 0.67 -5.20 7.00
CA GLY A 285 0.09 -4.95 5.70
C GLY A 285 -1.38 -5.29 5.51
N ASP A 286 -1.72 -5.60 4.27
CA ASP A 286 -3.08 -5.94 3.88
C ASP A 286 -3.76 -7.03 4.71
N ALA A 287 -2.98 -7.75 5.48
CA ALA A 287 -3.56 -8.81 6.30
C ALA A 287 -4.33 -8.21 7.47
N ALA A 288 -4.06 -6.95 7.79
CA ALA A 288 -4.72 -6.31 8.92
C ALA A 288 -5.57 -5.11 8.54
N HIS A 289 -5.26 -4.50 7.41
CA HIS A 289 -6.00 -3.34 6.99
C HIS A 289 -5.99 -3.11 5.48
N ILE A 290 -6.93 -2.29 5.04
CA ILE A 290 -7.06 -1.92 3.65
C ILE A 290 -7.46 -0.45 3.66
N VAL A 291 -6.89 0.33 2.75
CA VAL A 291 -7.22 1.75 2.64
C VAL A 291 -7.52 2.06 1.19
N PRO A 292 -8.47 2.96 0.94
CA PRO A 292 -8.71 3.24 -0.48
C PRO A 292 -7.43 3.86 -1.03
N PRO A 293 -7.07 3.51 -2.28
CA PRO A 293 -5.88 3.99 -2.99
C PRO A 293 -5.75 5.50 -3.11
N THR A 294 -6.86 6.21 -2.97
CA THR A 294 -6.87 7.66 -3.12
C THR A 294 -5.80 8.36 -2.29
N GLY A 295 -5.37 7.73 -1.21
CA GLY A 295 -4.35 8.32 -0.37
C GLY A 295 -2.96 7.79 -0.63
N ALA A 296 -2.84 6.83 -1.55
CA ALA A 296 -1.57 6.19 -1.89
C ALA A 296 -0.97 5.74 -0.57
N LYS A 297 -1.67 4.83 0.11
CA LYS A 297 -1.22 4.41 1.42
C LYS A 297 -1.14 2.93 1.72
N GLY A 298 -1.62 2.09 0.82
CA GLY A 298 -1.58 0.66 1.07
C GLY A 298 -0.21 0.08 1.36
N LEU A 299 0.70 0.23 0.41
CA LEU A 299 2.05 -0.28 0.55
C LEU A 299 2.80 0.42 1.68
N ASN A 300 2.53 1.71 1.84
CA ASN A 300 3.17 2.51 2.87
C ASN A 300 2.81 2.16 4.29
N LEU A 301 1.56 1.79 4.52
CA LEU A 301 1.17 1.39 5.86
C LEU A 301 1.87 0.05 6.11
N ALA A 302 1.80 -0.83 5.12
CA ALA A 302 2.45 -2.13 5.22
C ALA A 302 3.89 -1.92 5.70
N ALA A 303 4.57 -0.93 5.12
CA ALA A 303 5.95 -0.66 5.50
C ALA A 303 6.08 -0.18 6.93
N SER A 304 5.18 0.70 7.39
CA SER A 304 5.28 1.16 8.75
C SER A 304 4.95 0.05 9.75
N ASP A 305 4.07 -0.88 9.39
CA ASP A 305 3.78 -1.98 10.32
C ASP A 305 5.08 -2.75 10.47
N VAL A 306 5.68 -3.09 9.33
CA VAL A 306 6.93 -3.84 9.25
C VAL A 306 8.02 -3.17 10.09
N SER A 307 8.17 -1.87 9.92
CA SER A 307 9.17 -1.12 10.67
C SER A 307 8.91 -1.28 12.17
N THR A 308 7.69 -0.99 12.59
CA THR A 308 7.36 -1.12 14.00
C THR A 308 7.65 -2.55 14.49
N LEU A 309 7.14 -3.55 13.78
CA LEU A 309 7.32 -4.94 14.17
C LEU A 309 8.79 -5.39 14.20
N TYR A 310 9.56 -4.93 13.21
CA TYR A 310 10.98 -5.25 13.14
C TYR A 310 11.64 -4.68 14.38
N ARG A 311 11.52 -3.37 14.55
CA ARG A 311 12.10 -2.67 15.68
C ARG A 311 11.72 -3.23 17.05
N LEU A 312 10.48 -3.67 17.20
CA LEU A 312 10.06 -4.26 18.47
C LEU A 312 10.70 -5.65 18.58
N LEU A 313 10.84 -6.34 17.45
CA LEU A 313 11.45 -7.66 17.46
C LEU A 313 12.90 -7.57 17.93
N LEU A 314 13.60 -6.54 17.49
CA LEU A 314 14.98 -6.37 17.92
C LEU A 314 14.96 -6.28 19.44
N LYS A 315 14.28 -5.25 19.96
CA LYS A 315 14.19 -5.08 21.40
C LYS A 315 13.97 -6.43 22.08
N ALA A 316 12.93 -7.14 21.68
CA ALA A 316 12.62 -8.44 22.26
C ALA A 316 13.81 -9.39 22.27
N TYR A 317 14.34 -9.73 21.11
CA TYR A 317 15.48 -10.64 21.03
C TYR A 317 16.76 -10.03 21.60
N ARG A 318 17.19 -8.94 20.99
CA ARG A 318 18.41 -8.25 21.37
C ARG A 318 18.42 -7.59 22.74
N GLU A 319 17.39 -7.81 23.56
CA GLU A 319 17.35 -7.21 24.89
C GLU A 319 16.41 -7.91 25.84
N GLY A 320 15.89 -9.06 25.42
CA GLY A 320 14.96 -9.81 26.24
C GLY A 320 13.74 -8.97 26.64
N ARG A 321 13.40 -7.97 25.83
CA ARG A 321 12.26 -7.08 26.10
C ARG A 321 10.97 -7.58 25.42
N GLY A 322 10.79 -8.90 25.39
CA GLY A 322 9.64 -9.50 24.75
C GLY A 322 8.26 -8.99 25.14
N GLU A 323 8.21 -8.08 26.10
CA GLU A 323 6.92 -7.54 26.52
C GLU A 323 6.52 -6.40 25.60
N LEU A 324 7.50 -5.62 25.15
CA LEU A 324 7.24 -4.49 24.28
C LEU A 324 6.43 -4.84 23.04
N LEU A 325 6.35 -6.13 22.71
CA LEU A 325 5.58 -6.58 21.55
C LEU A 325 4.08 -6.51 21.83
N GLU A 326 3.72 -6.29 23.10
CA GLU A 326 2.32 -6.19 23.44
C GLU A 326 1.78 -4.87 22.89
N ARG A 327 2.67 -3.89 22.73
CA ARG A 327 2.32 -2.58 22.22
C ARG A 327 2.31 -2.48 20.70
N TYR A 328 2.52 -3.61 20.01
CA TYR A 328 2.52 -3.58 18.56
C TYR A 328 1.26 -2.98 17.95
N SER A 329 0.11 -3.55 18.30
CA SER A 329 -1.17 -3.08 17.75
C SER A 329 -1.45 -1.62 18.02
N ALA A 330 -1.44 -1.21 19.29
CA ALA A 330 -1.73 0.19 19.62
C ALA A 330 -0.85 1.16 18.84
N ILE A 331 0.41 0.82 18.64
CA ILE A 331 1.29 1.72 17.90
C ILE A 331 0.89 1.82 16.42
N CYS A 332 0.85 0.69 15.73
CA CYS A 332 0.49 0.69 14.32
C CYS A 332 -0.89 1.28 14.10
N LEU A 333 -1.83 0.84 14.93
CA LEU A 333 -3.21 1.28 14.83
C LEU A 333 -3.36 2.80 14.86
N ARG A 334 -2.50 3.48 15.61
CA ARG A 334 -2.61 4.94 15.67
C ARG A 334 -2.25 5.58 14.35
N ARG A 335 -1.31 4.97 13.63
CA ARG A 335 -0.85 5.47 12.35
C ARG A 335 -1.77 4.99 11.23
N ILE A 336 -2.35 3.82 11.45
CA ILE A 336 -3.28 3.22 10.49
C ILE A 336 -4.56 4.07 10.41
N TRP A 337 -5.13 4.41 11.57
CA TRP A 337 -6.35 5.19 11.60
C TRP A 337 -6.14 6.58 11.03
N LYS A 338 -4.99 7.18 11.27
CA LYS A 338 -4.72 8.49 10.71
C LYS A 338 -4.61 8.34 9.19
N ALA A 339 -4.04 7.23 8.74
CA ALA A 339 -3.92 6.98 7.31
C ALA A 339 -5.31 6.75 6.71
N GLU A 340 -6.15 5.99 7.41
CA GLU A 340 -7.51 5.74 6.94
C GLU A 340 -8.24 7.06 6.80
N ARG A 341 -8.05 7.94 7.79
CA ARG A 341 -8.71 9.25 7.78
C ARG A 341 -8.33 10.11 6.58
N PHE A 342 -7.03 10.23 6.31
CA PHE A 342 -6.55 11.01 5.20
C PHE A 342 -7.00 10.42 3.86
N SER A 343 -7.02 9.10 3.76
CA SER A 343 -7.46 8.45 2.52
C SER A 343 -8.97 8.59 2.36
N TRP A 344 -9.68 8.54 3.48
CA TRP A 344 -11.12 8.69 3.43
C TRP A 344 -11.42 10.13 3.03
N TRP A 345 -10.61 11.05 3.53
CA TRP A 345 -10.81 12.45 3.21
C TRP A 345 -10.55 12.68 1.72
N MET A 346 -9.42 12.19 1.23
CA MET A 346 -9.07 12.37 -0.19
C MET A 346 -10.17 11.80 -1.07
N THR A 347 -10.66 10.62 -0.71
CA THR A 347 -11.71 9.98 -1.47
C THR A 347 -12.99 10.80 -1.53
N SER A 348 -13.39 11.36 -0.39
CA SER A 348 -14.62 12.14 -0.32
C SER A 348 -14.57 13.45 -1.10
N VAL A 349 -13.43 14.14 -1.10
CA VAL A 349 -13.35 15.40 -1.85
C VAL A 349 -13.08 15.18 -3.34
N LEU A 350 -12.64 13.99 -3.73
CA LEU A 350 -12.35 13.77 -5.14
C LEU A 350 -13.40 13.02 -5.97
N HIS A 351 -14.16 12.14 -5.32
CA HIS A 351 -15.14 11.34 -6.04
C HIS A 351 -16.58 11.81 -6.11
N ARG A 352 -17.30 11.25 -7.07
CA ARG A 352 -18.69 11.53 -7.26
C ARG A 352 -19.44 10.40 -6.56
N PHE A 353 -20.24 10.74 -5.56
CA PHE A 353 -21.03 9.75 -4.83
C PHE A 353 -22.46 9.78 -5.37
N PRO A 354 -23.19 8.67 -5.30
CA PRO A 354 -24.55 8.67 -5.83
C PRO A 354 -25.59 9.29 -4.91
N ASP A 355 -26.67 9.79 -5.49
CA ASP A 355 -27.76 10.39 -4.72
C ASP A 355 -27.29 11.55 -3.85
N THR A 356 -26.23 12.23 -4.27
CA THR A 356 -25.71 13.35 -3.50
C THR A 356 -26.50 14.61 -3.84
N ASP A 357 -26.90 15.36 -2.82
CA ASP A 357 -27.67 16.58 -3.05
C ASP A 357 -26.83 17.84 -3.30
N ALA A 358 -27.50 18.91 -3.69
CA ALA A 358 -26.86 20.19 -4.01
C ALA A 358 -25.93 20.67 -2.90
N PHE A 359 -26.39 20.52 -1.65
CA PHE A 359 -25.58 20.94 -0.52
C PHE A 359 -24.25 20.17 -0.48
N SER A 360 -24.32 18.84 -0.60
CA SER A 360 -23.12 18.01 -0.57
C SER A 360 -22.18 18.42 -1.70
N GLN A 361 -22.74 18.69 -2.88
CA GLN A 361 -21.92 19.09 -4.01
C GLN A 361 -21.17 20.37 -3.70
N ARG A 362 -21.85 21.33 -3.08
CA ARG A 362 -21.22 22.60 -2.75
C ARG A 362 -20.19 22.46 -1.64
N ILE A 363 -20.48 21.64 -0.64
CA ILE A 363 -19.51 21.47 0.44
C ILE A 363 -18.22 20.85 -0.10
N GLN A 364 -18.35 19.85 -0.98
CA GLN A 364 -17.18 19.21 -1.54
C GLN A 364 -16.33 20.23 -2.30
N GLN A 365 -16.98 21.01 -3.16
CA GLN A 365 -16.26 22.02 -3.93
C GLN A 365 -15.57 23.00 -3.01
N THR A 366 -16.21 23.28 -1.87
CA THR A 366 -15.65 24.24 -0.92
C THR A 366 -14.52 23.66 -0.11
N GLU A 367 -14.55 22.33 0.08
CA GLU A 367 -13.48 21.65 0.81
C GLU A 367 -12.23 21.86 -0.01
N LEU A 368 -12.32 21.57 -1.31
CA LEU A 368 -11.16 21.72 -2.19
C LEU A 368 -10.71 23.18 -2.25
N GLU A 369 -11.68 24.08 -2.40
CA GLU A 369 -11.36 25.49 -2.48
C GLU A 369 -10.61 26.01 -1.24
N TYR A 370 -11.10 25.69 -0.05
CA TYR A 370 -10.45 26.15 1.17
C TYR A 370 -9.10 25.52 1.47
N TYR A 371 -9.00 24.20 1.39
CA TYR A 371 -7.75 23.52 1.68
C TYR A 371 -6.64 23.88 0.70
N LEU A 372 -6.96 23.89 -0.59
CA LEU A 372 -5.95 24.23 -1.58
C LEU A 372 -5.58 25.72 -1.60
N GLY A 373 -6.43 26.56 -1.00
CA GLY A 373 -6.17 27.98 -0.99
C GLY A 373 -5.61 28.55 0.30
N SER A 374 -5.38 27.69 1.29
CA SER A 374 -4.84 28.10 2.57
C SER A 374 -3.50 27.42 2.81
N GLU A 375 -2.57 28.12 3.44
CA GLU A 375 -1.27 27.52 3.74
C GLU A 375 -1.45 26.44 4.81
N ALA A 376 -2.30 26.71 5.79
CA ALA A 376 -2.54 25.72 6.83
C ALA A 376 -3.14 24.51 6.14
N GLY A 377 -4.15 24.76 5.31
CA GLY A 377 -4.82 23.70 4.59
C GLY A 377 -3.87 22.92 3.69
N LEU A 378 -3.05 23.64 2.93
CA LEU A 378 -2.11 22.97 2.04
C LEU A 378 -1.11 22.15 2.84
N ALA A 379 -0.88 22.54 4.09
CA ALA A 379 0.07 21.81 4.93
C ALA A 379 -0.54 20.50 5.45
N THR A 380 -1.83 20.53 5.82
CA THR A 380 -2.48 19.32 6.32
C THR A 380 -2.37 18.22 5.27
N ILE A 381 -2.54 18.59 4.00
CA ILE A 381 -2.47 17.63 2.90
C ILE A 381 -1.04 17.17 2.67
N ALA A 382 -0.12 18.13 2.61
CA ALA A 382 1.28 17.84 2.36
C ALA A 382 1.86 16.86 3.37
N GLU A 383 1.77 17.21 4.66
CA GLU A 383 2.31 16.35 5.70
C GLU A 383 1.68 14.95 5.68
N ASN A 384 0.44 14.85 5.21
CA ASN A 384 -0.25 13.57 5.12
C ASN A 384 0.13 12.83 3.85
N TYR A 385 0.22 13.54 2.73
CA TYR A 385 0.56 12.87 1.47
C TYR A 385 1.94 12.22 1.53
N VAL A 386 2.93 12.95 2.04
CA VAL A 386 4.29 12.42 2.15
C VAL A 386 4.35 11.32 3.21
N GLY A 387 3.37 11.32 4.11
CA GLY A 387 3.34 10.32 5.16
C GLY A 387 3.74 10.89 6.51
N LEU A 388 2.91 10.64 7.53
CA LEU A 388 3.21 11.13 8.86
C LEU A 388 4.40 10.39 9.43
N PRO A 389 5.15 11.03 10.33
CA PRO A 389 6.34 10.40 10.94
C PRO A 389 6.04 9.10 11.68
N TYR A 390 6.98 8.16 11.62
CA TYR A 390 6.84 6.89 12.32
C TYR A 390 6.99 7.15 13.82
N GLU A 391 6.10 6.56 14.62
CA GLU A 391 6.14 6.73 16.06
C GLU A 391 7.24 5.88 16.69
N GLU A 392 8.06 6.50 17.52
CA GLU A 392 9.14 5.78 18.20
C GLU A 392 8.55 4.81 19.22
N ILE A 393 9.20 3.68 19.42
CA ILE A 393 8.73 2.68 20.37
C ILE A 393 8.88 3.13 21.82
N GLU A 394 10.13 3.30 22.25
CA GLU A 394 10.41 3.70 23.62
C GLU A 394 11.10 5.06 23.62
#